data_6V1R
#
_entry.id   6V1R
#
_cell.length_a   46.760
_cell.length_b   65.781
_cell.length_c   96.592
_cell.angle_alpha   90.000
_cell.angle_beta   90.000
_cell.angle_gamma   90.000
#
_symmetry.space_group_name_H-M   'P 21 21 21'
#
loop_
_entity.id
_entity.type
_entity.pdbx_description
1 polymer 'iAChSnFR Fluorescent Acetylcholine Sensor V9 precursor binding protein'
2 non-polymer ACETYLCHOLINE
3 non-polymer '2-[N-CYCLOHEXYLAMINO]ETHANE SULFONIC ACID'
4 non-polymer SPERMIDINE
5 non-polymer DI(HYDROXYETHYL)ETHER
6 water water
#
_entity_poly.entity_id   1
_entity_poly.type   'polypeptide(L)'
_entity_poly.pdbx_seq_one_letter_code
;MHHHHHHGAQPARSANDTVVVGSIIFTEGIIVANMVAEMIEAHTDLKVVRKLNLGGVNVNFEAIKRGGANNGIDIYVEYT
GHGLVDILGFPATTDPEGAYETVKKEYKRKWNIVWLKPLGFNNTYTLTVKDELAKQYNLKTFSDLAKISDKLILGATMFF
LEGPDGYPGLQKLYNFKFKHTKSMDMGIRYTAIDNNEVQVIDAWATDGLLVSHKLKILEDDKAFFPPYYAAPIIRQDVLD
KHPELKDVLNKLANQISLEEMQKLNYKVDGEGQDPAKVAKEFLKEKGLILQVD
;
_entity_poly.pdbx_strand_id   A
#
# COMPACT_ATOMS: atom_id res chain seq x y z
N ALA A 15 -24.57 -4.63 -24.09
CA ALA A 15 -24.85 -5.10 -22.74
C ALA A 15 -24.56 -4.02 -21.70
N ASN A 16 -23.57 -3.18 -21.99
CA ASN A 16 -23.19 -2.06 -21.13
C ASN A 16 -22.80 -2.54 -19.73
N ASP A 17 -21.96 -3.57 -19.69
CA ASP A 17 -21.51 -4.13 -18.43
C ASP A 17 -20.52 -3.21 -17.75
N THR A 18 -20.59 -3.16 -16.43
CA THR A 18 -19.69 -2.33 -15.65
C THR A 18 -19.09 -3.15 -14.52
N VAL A 19 -17.96 -2.67 -14.01
CA VAL A 19 -17.33 -3.25 -12.83
C VAL A 19 -16.95 -2.11 -11.90
N VAL A 20 -16.77 -2.45 -10.63
CA VAL A 20 -16.49 -1.47 -9.58
C VAL A 20 -15.06 -1.71 -9.09
N VAL A 21 -14.22 -0.69 -9.22
CA VAL A 21 -12.85 -0.71 -8.71
C VAL A 21 -12.83 0.14 -7.45
N GLY A 22 -12.36 -0.44 -6.35
CA GLY A 22 -12.36 0.26 -5.07
C GLY A 22 -10.99 0.74 -4.65
N SER A 23 -10.95 1.75 -3.79
CA SER A 23 -9.69 2.23 -3.22
C SER A 23 -9.97 2.90 -1.89
N ILE A 24 -9.03 2.76 -0.96
CA ILE A 24 -8.91 3.65 0.19
C ILE A 24 -8.45 5.02 -0.29
N ILE A 25 -8.79 6.05 0.48
CA ILE A 25 -8.39 7.40 0.08
C ILE A 25 -6.98 7.70 0.58
N PHE A 26 -5.98 7.36 -0.23
CA PHE A 26 -4.60 7.76 -0.04
C PHE A 26 -3.95 7.79 -1.43
N THR A 27 -2.85 8.55 -1.56
CA THR A 27 -2.31 8.88 -2.87
C THR A 27 -2.01 7.64 -3.71
N GLU A 28 -1.19 6.72 -3.19
CA GLU A 28 -0.81 5.57 -3.98
C GLU A 28 -2.03 4.74 -4.35
N GLY A 29 -2.93 4.56 -3.39
CA GLY A 29 -4.09 3.70 -3.63
C GLY A 29 -4.97 4.24 -4.75
N ILE A 30 -5.15 5.55 -4.80
N ILE A 30 -5.21 5.55 -4.74
CA ILE A 30 -6.02 6.13 -5.82
CA ILE A 30 -5.99 6.18 -5.82
C ILE A 30 -5.32 6.14 -7.18
C ILE A 30 -5.28 5.99 -7.15
N ILE A 31 -3.99 6.32 -7.20
CA ILE A 31 -3.25 6.22 -8.47
C ILE A 31 -3.36 4.83 -9.05
N VAL A 32 -3.11 3.78 -8.24
CA VAL A 32 -3.10 2.44 -8.84
C VAL A 32 -4.52 1.97 -9.13
N ALA A 33 -5.52 2.40 -8.36
CA ALA A 33 -6.91 2.10 -8.69
C ALA A 33 -7.29 2.72 -10.03
N ASN A 34 -6.86 3.97 -10.25
CA ASN A 34 -7.09 4.62 -11.54
C ASN A 34 -6.39 3.89 -12.67
N MET A 35 -5.17 3.40 -12.45
CA MET A 35 -4.52 2.67 -13.54
C MET A 35 -5.33 1.43 -13.90
N VAL A 36 -5.81 0.71 -12.90
CA VAL A 36 -6.65 -0.45 -13.14
C VAL A 36 -7.88 -0.04 -13.95
N ALA A 37 -8.54 1.05 -13.52
CA ALA A 37 -9.71 1.54 -14.24
C ALA A 37 -9.38 1.88 -15.70
N GLU A 38 -8.26 2.59 -15.91
CA GLU A 38 -7.90 3.01 -17.27
C GLU A 38 -7.57 1.82 -18.14
N MET A 39 -6.89 0.83 -17.56
CA MET A 39 -6.54 -0.36 -18.32
C MET A 39 -7.79 -1.11 -18.77
N ILE A 40 -8.78 -1.24 -17.87
CA ILE A 40 -10.04 -1.88 -18.22
C ILE A 40 -10.74 -1.11 -19.33
N GLU A 41 -10.83 0.21 -19.20
CA GLU A 41 -11.61 0.95 -20.20
C GLU A 41 -10.88 1.00 -21.53
N ALA A 42 -9.55 0.91 -21.51
CA ALA A 42 -8.78 1.00 -22.75
C ALA A 42 -8.82 -0.31 -23.54
N HIS A 43 -8.84 -1.45 -22.85
CA HIS A 43 -8.63 -2.72 -23.52
C HIS A 43 -9.86 -3.62 -23.54
N THR A 44 -10.97 -3.17 -22.96
CA THR A 44 -12.22 -3.94 -22.96
C THR A 44 -13.38 -3.01 -23.28
N ASP A 45 -14.56 -3.59 -23.41
CA ASP A 45 -15.79 -2.84 -23.60
C ASP A 45 -16.46 -2.44 -22.30
N LEU A 46 -15.85 -2.76 -21.16
CA LEU A 46 -16.45 -2.48 -19.86
C LEU A 46 -16.20 -1.04 -19.43
N LYS A 47 -17.11 -0.53 -18.62
CA LYS A 47 -16.95 0.79 -18.00
C LYS A 47 -16.81 0.60 -16.50
N VAL A 48 -16.11 1.52 -15.85
CA VAL A 48 -15.64 1.29 -14.49
C VAL A 48 -16.22 2.34 -13.55
N VAL A 49 -16.84 1.87 -12.46
CA VAL A 49 -17.18 2.76 -11.35
C VAL A 49 -15.98 2.81 -10.41
N ARG A 50 -15.53 4.00 -10.09
CA ARG A 50 -14.45 4.20 -9.12
CA ARG A 50 -14.45 4.20 -9.12
C ARG A 50 -15.10 4.52 -7.77
N LYS A 51 -14.97 3.59 -6.83
CA LYS A 51 -15.56 3.73 -5.50
C LYS A 51 -14.46 3.98 -4.49
N LEU A 52 -14.66 4.99 -3.65
CA LEU A 52 -13.68 5.36 -2.64
C LEU A 52 -14.22 5.00 -1.27
N ASN A 53 -13.41 4.30 -0.52
CA ASN A 53 -13.82 3.77 0.76
C ASN A 53 -13.04 4.53 1.83
N LEU A 54 -13.70 4.82 2.94
N LEU A 54 -13.69 4.74 2.96
CA LEU A 54 -13.05 5.42 4.09
CA LEU A 54 -13.10 5.37 4.12
C LEU A 54 -13.02 4.39 5.21
C LEU A 54 -13.01 4.33 5.22
N GLY A 55 -11.88 4.32 5.91
CA GLY A 55 -11.63 3.35 6.93
C GLY A 55 -10.33 2.65 6.64
N GLY A 56 -10.09 1.57 7.35
CA GLY A 56 -8.79 0.93 7.38
C GLY A 56 -8.61 -0.10 6.29
N VAL A 57 -7.61 -0.95 6.49
CA VAL A 57 -7.10 -1.83 5.44
C VAL A 57 -7.98 -3.06 5.28
N ASN A 58 -9.14 -3.07 5.92
N ASN A 58 -9.12 -3.05 5.97
CA ASN A 58 -10.06 -4.19 5.76
CA ASN A 58 -10.10 -4.12 5.93
C ASN A 58 -11.40 -3.79 5.17
C ASN A 58 -11.31 -3.80 5.07
N VAL A 59 -11.59 -2.52 4.83
CA VAL A 59 -12.83 -2.10 4.18
C VAL A 59 -12.93 -2.66 2.77
N ASN A 60 -11.83 -2.61 2.01
CA ASN A 60 -11.84 -3.11 0.64
C ASN A 60 -12.03 -4.62 0.61
N PHE A 61 -11.42 -5.33 1.56
CA PHE A 61 -11.56 -6.78 1.64
C PHE A 61 -13.02 -7.17 1.89
N GLU A 62 -13.67 -6.50 2.84
CA GLU A 62 -15.09 -6.79 3.05
C GLU A 62 -15.94 -6.34 1.86
N ALA A 63 -15.53 -5.27 1.17
CA ALA A 63 -16.30 -4.81 0.02
C ALA A 63 -16.24 -5.80 -1.13
N ILE A 64 -15.07 -6.41 -1.37
CA ILE A 64 -14.93 -7.30 -2.53
C ILE A 64 -15.67 -8.61 -2.27
N LYS A 65 -15.83 -9.01 -1.00
CA LYS A 65 -16.70 -10.13 -0.69
C LYS A 65 -18.14 -9.83 -1.07
N ARG A 66 -18.56 -8.57 -0.95
CA ARG A 66 -19.92 -8.20 -1.35
C ARG A 66 -20.04 -8.16 -2.88
N GLY A 67 -19.10 -7.50 -3.54
CA GLY A 67 -19.16 -7.41 -4.98
C GLY A 67 -19.90 -6.17 -5.46
N GLY A 68 -19.58 -5.75 -6.69
CA GLY A 68 -20.16 -4.54 -7.25
C GLY A 68 -21.67 -4.54 -7.35
N ALA A 69 -22.30 -5.71 -7.46
CA ALA A 69 -23.75 -5.76 -7.52
C ALA A 69 -24.40 -5.62 -6.15
N ASN A 70 -23.63 -5.67 -5.07
CA ASN A 70 -24.18 -5.70 -3.73
C ASN A 70 -23.62 -4.57 -2.89
N ASN A 71 -23.46 -3.39 -3.52
CA ASN A 71 -22.88 -2.21 -2.89
C ASN A 71 -21.49 -2.49 -2.32
N GLY A 72 -20.74 -3.39 -2.97
CA GLY A 72 -19.33 -3.55 -2.70
C GLY A 72 -18.52 -3.23 -3.93
N ILE A 73 -17.39 -3.92 -4.10
CA ILE A 73 -16.48 -3.69 -5.21
C ILE A 73 -16.12 -5.03 -5.83
N ASP A 74 -15.56 -4.98 -7.03
CA ASP A 74 -15.19 -6.17 -7.78
C ASP A 74 -13.69 -6.39 -7.85
N ILE A 75 -12.90 -5.32 -7.72
CA ILE A 75 -11.46 -5.29 -7.95
C ILE A 75 -10.87 -4.24 -7.03
N TYR A 76 -9.73 -4.55 -6.41
CA TYR A 76 -8.90 -3.51 -5.83
C TYR A 76 -7.47 -4.03 -5.74
N VAL A 77 -6.55 -3.13 -5.43
CA VAL A 77 -5.14 -3.47 -5.32
C VAL A 77 -4.82 -3.69 -3.85
N GLU A 78 -4.44 -4.92 -3.51
CA GLU A 78 -4.14 -5.36 -2.16
C GLU A 78 -2.64 -5.57 -2.00
N TYR A 79 -2.17 -5.64 -0.76
CA TYR A 79 -0.75 -5.83 -0.47
C TYR A 79 -0.59 -7.22 0.14
N THR A 80 0.42 -7.98 -0.36
CA THR A 80 0.50 -9.39 0.01
C THR A 80 0.63 -9.57 1.52
N GLY A 81 1.46 -8.76 2.17
CA GLY A 81 1.70 -8.94 3.60
C GLY A 81 0.45 -8.69 4.43
N HIS A 82 -0.41 -7.78 4.00
CA HIS A 82 -1.67 -7.63 4.70
C HIS A 82 -2.53 -8.87 4.61
N GLY A 83 -2.64 -9.46 3.40
CA GLY A 83 -3.37 -10.71 3.29
C GLY A 83 -2.73 -11.82 4.10
N LEU A 84 -1.40 -11.84 4.13
CA LEU A 84 -0.72 -12.90 4.87
C LEU A 84 -1.01 -12.81 6.36
N VAL A 85 -0.86 -11.63 6.95
CA VAL A 85 -1.09 -11.51 8.39
CA VAL A 85 -1.08 -11.52 8.39
C VAL A 85 -2.55 -11.77 8.72
N ASP A 86 -3.47 -11.41 7.82
CA ASP A 86 -4.89 -11.68 8.05
C ASP A 86 -5.18 -13.18 8.04
N ILE A 87 -4.54 -13.93 7.15
CA ILE A 87 -4.72 -15.38 7.11
C ILE A 87 -4.14 -16.05 8.35
N LEU A 88 -2.98 -15.59 8.79
CA LEU A 88 -2.27 -16.27 9.86
C LEU A 88 -2.82 -15.90 11.24
N GLY A 89 -3.32 -14.68 11.40
CA GLY A 89 -3.71 -14.21 12.72
C GLY A 89 -2.57 -13.74 13.60
N PHE A 90 -1.36 -13.63 13.06
CA PHE A 90 -0.15 -13.27 13.79
C PHE A 90 0.85 -12.73 12.80
N PRO A 91 1.67 -11.74 13.16
CA PRO A 91 2.69 -11.27 12.23
C PRO A 91 3.75 -12.33 11.98
N ALA A 92 4.14 -12.44 10.72
CA ALA A 92 5.19 -13.38 10.35
C ALA A 92 6.02 -12.74 9.26
N THR A 93 7.20 -13.30 9.04
CA THR A 93 8.08 -12.89 7.96
C THR A 93 8.33 -14.07 7.05
N THR A 94 8.55 -13.76 5.77
CA THR A 94 8.71 -14.74 4.72
C THR A 94 9.21 -13.98 3.50
N ASP A 95 9.64 -14.71 2.48
CA ASP A 95 10.09 -13.98 1.30
C ASP A 95 8.89 -13.61 0.44
N PRO A 96 9.07 -12.68 -0.51
CA PRO A 96 7.91 -12.23 -1.30
C PRO A 96 7.11 -13.35 -1.91
N GLU A 97 7.76 -14.39 -2.46
CA GLU A 97 7.00 -15.47 -3.07
C GLU A 97 6.23 -16.26 -2.03
N GLY A 98 6.81 -16.44 -0.85
CA GLY A 98 6.08 -17.10 0.23
C GLY A 98 4.79 -16.37 0.58
N ALA A 99 4.84 -15.05 0.69
CA ALA A 99 3.64 -14.29 0.98
C ALA A 99 2.67 -14.33 -0.19
N TYR A 100 3.17 -14.13 -1.42
CA TYR A 100 2.28 -14.06 -2.58
C TYR A 100 1.59 -15.40 -2.85
N GLU A 101 2.36 -16.49 -2.92
CA GLU A 101 1.75 -17.76 -3.23
C GLU A 101 0.75 -18.16 -2.15
N THR A 102 1.02 -17.80 -0.89
CA THR A 102 0.12 -18.17 0.19
C THR A 102 -1.20 -17.43 0.11
N VAL A 103 -1.16 -16.11 -0.08
CA VAL A 103 -2.42 -15.36 -0.18
C VAL A 103 -3.16 -15.74 -1.46
N LYS A 104 -2.44 -16.01 -2.55
CA LYS A 104 -3.15 -16.39 -3.78
C LYS A 104 -3.91 -17.69 -3.59
N LYS A 105 -3.26 -18.71 -3.04
CA LYS A 105 -3.93 -19.99 -2.88
CA LYS A 105 -3.92 -19.99 -2.86
C LYS A 105 -5.08 -19.90 -1.89
N GLU A 106 -4.89 -19.16 -0.79
CA GLU A 106 -5.89 -19.11 0.27
C GLU A 106 -7.10 -18.27 -0.12
N TYR A 107 -6.88 -17.12 -0.76
CA TYR A 107 -8.02 -16.30 -1.18
C TYR A 107 -8.86 -17.01 -2.23
N LYS A 108 -8.23 -17.79 -3.11
CA LYS A 108 -9.01 -18.56 -4.08
C LYS A 108 -9.84 -19.63 -3.39
N ARG A 109 -9.23 -20.36 -2.45
CA ARG A 109 -9.93 -21.46 -1.78
C ARG A 109 -11.08 -20.93 -0.94
N LYS A 110 -10.81 -19.94 -0.11
CA LYS A 110 -11.75 -19.50 0.91
C LYS A 110 -12.77 -18.49 0.41
N TRP A 111 -12.40 -17.63 -0.53
CA TRP A 111 -13.27 -16.53 -0.92
C TRP A 111 -13.58 -16.47 -2.41
N ASN A 112 -12.97 -17.35 -3.21
CA ASN A 112 -13.06 -17.25 -4.67
C ASN A 112 -12.62 -15.87 -5.15
N ILE A 113 -11.55 -15.35 -4.53
CA ILE A 113 -10.89 -14.12 -4.96
C ILE A 113 -9.56 -14.50 -5.62
N VAL A 114 -9.28 -13.88 -6.76
CA VAL A 114 -8.12 -14.22 -7.59
C VAL A 114 -7.07 -13.12 -7.47
N TRP A 115 -5.88 -13.47 -7.00
CA TRP A 115 -4.75 -12.54 -7.02
C TRP A 115 -4.14 -12.54 -8.41
N LEU A 116 -4.05 -11.37 -9.02
CA LEU A 116 -3.34 -11.25 -10.29
C LEU A 116 -1.88 -10.93 -9.98
N LYS A 117 -1.10 -10.62 -11.00
CA LYS A 117 0.34 -10.52 -10.80
C LYS A 117 0.74 -9.23 -10.10
N PRO A 118 1.83 -9.25 -9.34
CA PRO A 118 2.28 -8.04 -8.62
C PRO A 118 2.62 -6.91 -9.59
N LEU A 119 2.29 -5.70 -9.17
CA LEU A 119 2.56 -4.51 -9.97
C LEU A 119 4.05 -4.24 -10.08
N GLY A 120 4.83 -4.62 -9.06
CA GLY A 120 6.27 -4.46 -9.10
C GLY A 120 6.93 -3.90 -7.86
N PHE A 121 6.18 -3.22 -6.99
CA PHE A 121 6.79 -2.57 -5.84
C PHE A 121 6.30 -3.17 -4.52
N ASN A 122 7.13 -2.97 -3.50
CA ASN A 122 6.89 -3.41 -2.13
C ASN A 122 6.70 -2.17 -1.26
N ASN A 123 5.46 -1.81 -0.95
CA ASN A 123 5.20 -0.59 -0.18
C ASN A 123 5.07 -0.95 1.30
N THR A 124 6.22 -1.25 1.89
CA THR A 124 6.25 -1.68 3.28
C THR A 124 6.22 -0.51 4.27
N TYR A 125 5.71 -0.80 5.46
CA TYR A 125 5.98 0.07 6.59
C TYR A 125 7.48 0.16 6.83
N THR A 126 7.92 1.32 7.35
CA THR A 126 9.28 1.50 7.84
C THR A 126 9.19 2.29 9.13
N LEU A 127 10.30 2.34 9.87
CA LEU A 127 10.49 3.40 10.85
C LEU A 127 11.60 4.29 10.32
N THR A 128 11.34 5.58 10.29
CA THR A 128 12.22 6.55 9.66
C THR A 128 12.44 7.72 10.61
N VAL A 129 13.68 8.22 10.64
CA VAL A 129 14.07 9.35 11.48
C VAL A 129 14.79 10.37 10.61
N LYS A 130 14.99 11.57 11.16
CA LYS A 130 15.81 12.56 10.47
C LYS A 130 17.25 12.04 10.37
N ASP A 131 17.90 12.35 9.24
CA ASP A 131 19.30 12.00 9.07
C ASP A 131 20.15 12.49 10.24
N GLU A 132 19.87 13.70 10.75
CA GLU A 132 20.72 14.23 11.80
C GLU A 132 20.55 13.45 13.10
N LEU A 133 19.32 13.04 13.42
CA LEU A 133 19.12 12.20 14.59
C LEU A 133 19.85 10.87 14.45
N ALA A 134 19.76 10.25 13.27
CA ALA A 134 20.47 9.00 13.04
C ALA A 134 21.96 9.19 13.20
N LYS A 135 22.48 10.35 12.77
CA LYS A 135 23.90 10.63 12.95
C LYS A 135 24.23 10.87 14.42
N GLN A 136 23.40 11.65 15.13
CA GLN A 136 23.67 11.97 16.54
C GLN A 136 23.67 10.73 17.43
N TYR A 137 23.03 9.64 17.02
CA TYR A 137 22.96 8.44 17.85
C TYR A 137 23.43 7.18 17.12
N ASN A 138 24.04 7.34 15.95
CA ASN A 138 24.51 6.22 15.13
CA ASN A 138 24.53 6.20 15.16
C ASN A 138 23.44 5.13 15.00
N LEU A 139 22.27 5.56 14.52
CA LEU A 139 21.13 4.67 14.33
C LEU A 139 21.20 4.04 12.95
N LYS A 140 21.05 2.72 12.89
CA LYS A 140 20.96 2.02 11.62
C LYS A 140 19.77 1.07 11.59
N THR A 141 19.41 0.52 12.75
CA THR A 141 18.41 -0.55 12.80
C THR A 141 17.29 -0.20 13.78
N PHE A 142 16.21 -0.97 13.70
CA PHE A 142 15.12 -0.85 14.68
C PHE A 142 15.63 -1.12 16.09
N SER A 143 16.56 -2.07 16.24
CA SER A 143 17.07 -2.34 17.59
C SER A 143 17.87 -1.16 18.12
N ASP A 144 18.63 -0.47 17.26
CA ASP A 144 19.30 0.76 17.70
C ASP A 144 18.30 1.78 18.22
N LEU A 145 17.21 1.97 17.47
CA LEU A 145 16.19 2.95 17.81
C LEU A 145 15.49 2.58 19.11
N ALA A 146 15.18 1.30 19.30
CA ALA A 146 14.48 0.87 20.50
C ALA A 146 15.26 1.25 21.75
N LYS A 147 16.60 1.21 21.68
CA LYS A 147 17.42 1.49 22.86
C LYS A 147 17.26 2.94 23.33
N ILE A 148 16.91 3.87 22.44
CA ILE A 148 16.72 5.27 22.81
C ILE A 148 15.27 5.70 22.67
N SER A 149 14.37 4.74 22.44
CA SER A 149 12.99 5.09 22.11
C SER A 149 12.28 5.84 23.25
N ASP A 150 12.72 5.66 24.50
CA ASP A 150 12.06 6.37 25.59
C ASP A 150 12.31 7.87 25.54
N LYS A 151 13.19 8.35 24.67
CA LYS A 151 13.41 9.78 24.50
C LYS A 151 12.62 10.38 23.35
N LEU A 152 11.90 9.57 22.58
CA LEU A 152 11.38 9.97 21.28
C LEU A 152 9.86 9.83 21.21
N ILE A 153 9.26 10.62 20.32
CA ILE A 153 7.83 10.55 20.05
C ILE A 153 7.64 9.97 18.68
N LEU A 154 6.69 9.04 18.55
CA LEU A 154 6.35 8.45 17.26
C LEU A 154 5.10 9.11 16.71
N GLY A 155 5.19 9.63 15.47
CA GLY A 155 4.01 10.07 14.74
C GLY A 155 3.70 9.05 13.65
N ALA A 156 2.47 8.55 13.64
CA ALA A 156 2.20 7.46 12.71
C ALA A 156 0.77 7.49 12.21
N THR A 157 0.57 6.86 11.04
CA THR A 157 -0.76 6.71 10.48
C THR A 157 -1.64 5.81 11.35
N MET A 158 -2.96 6.00 11.25
CA MET A 158 -3.88 5.12 11.95
C MET A 158 -3.74 3.68 11.46
N PHE A 159 -3.41 3.50 10.19
CA PHE A 159 -3.16 2.15 9.69
C PHE A 159 -2.04 1.48 10.49
N PHE A 160 -0.95 2.19 10.72
CA PHE A 160 0.18 1.60 11.46
C PHE A 160 -0.17 1.34 12.91
N LEU A 161 -0.90 2.26 13.55
CA LEU A 161 -1.16 2.14 14.98
C LEU A 161 -2.27 1.14 15.29
N GLU A 162 -3.14 0.82 14.33
CA GLU A 162 -4.27 -0.06 14.57
CA GLU A 162 -4.27 -0.06 14.57
C GLU A 162 -4.09 -1.46 13.99
N GLY A 163 -3.18 -1.64 13.04
CA GLY A 163 -3.03 -2.92 12.37
C GLY A 163 -2.33 -3.96 13.21
N PRO A 164 -2.78 -5.22 13.09
CA PRO A 164 -2.04 -6.32 13.73
C PRO A 164 -0.60 -6.41 13.25
N ASP A 165 -0.38 -6.15 11.97
CA ASP A 165 0.95 -6.12 11.38
C ASP A 165 1.66 -4.79 11.63
N GLY A 166 1.08 -3.92 12.45
CA GLY A 166 1.67 -2.61 12.67
C GLY A 166 2.34 -2.45 14.02
N TYR A 167 2.24 -1.25 14.59
CA TYR A 167 2.91 -0.97 15.87
C TYR A 167 2.63 -1.97 16.98
N PRO A 168 1.39 -2.47 17.19
CA PRO A 168 1.17 -3.44 18.27
C PRO A 168 2.17 -4.59 18.31
N GLY A 169 2.34 -5.33 17.20
CA GLY A 169 3.28 -6.42 17.20
C GLY A 169 4.72 -5.96 17.19
N LEU A 170 5.00 -4.85 16.48
CA LEU A 170 6.36 -4.34 16.40
C LEU A 170 6.86 -3.93 17.77
N GLN A 171 6.01 -3.20 18.50
CA GLN A 171 6.37 -2.73 19.84
C GLN A 171 6.74 -3.88 20.76
N LYS A 172 6.00 -4.98 20.68
CA LYS A 172 6.27 -6.11 21.57
C LYS A 172 7.56 -6.83 21.19
N LEU A 173 7.81 -7.00 19.89
CA LEU A 173 9.01 -7.75 19.47
C LEU A 173 10.29 -7.03 19.89
N TYR A 174 10.35 -5.73 19.63
CA TYR A 174 11.55 -4.94 19.88
C TYR A 174 11.56 -4.25 21.25
N ASN A 175 10.46 -4.33 21.99
CA ASN A 175 10.29 -3.60 23.24
C ASN A 175 10.51 -2.09 23.03
N PHE A 176 9.79 -1.54 22.05
CA PHE A 176 9.82 -0.10 21.85
C PHE A 176 9.13 0.59 23.01
N LYS A 177 9.69 1.72 23.44
CA LYS A 177 9.22 2.46 24.60
C LYS A 177 9.07 3.94 24.29
N PHE A 178 8.47 4.29 23.14
CA PHE A 178 8.30 5.70 22.79
C PHE A 178 7.54 6.45 23.86
N LYS A 179 7.90 7.71 24.06
CA LYS A 179 7.23 8.53 25.08
C LYS A 179 5.73 8.49 24.91
N HIS A 180 5.26 8.63 23.68
CA HIS A 180 3.87 8.46 23.30
C HIS A 180 3.82 8.39 21.78
N THR A 181 2.66 8.07 21.26
CA THR A 181 2.41 8.00 19.82
C THR A 181 1.35 9.01 19.46
N LYS A 182 1.50 9.64 18.30
CA LYS A 182 0.52 10.59 17.81
C LYS A 182 -0.03 10.03 16.50
N SER A 183 -1.35 9.83 16.43
CA SER A 183 -1.98 9.38 15.21
C SER A 183 -2.16 10.57 14.27
N MET A 184 -1.71 10.44 13.02
CA MET A 184 -1.58 11.58 12.13
C MET A 184 -1.97 11.19 10.71
N ASP A 185 -2.55 12.17 10.01
CA ASP A 185 -2.78 12.03 8.58
C ASP A 185 -1.47 11.82 7.85
N MET A 186 -1.57 11.25 6.64
CA MET A 186 -0.38 10.78 5.96
C MET A 186 0.60 11.92 5.65
N GLY A 187 0.11 13.02 5.08
CA GLY A 187 0.99 14.13 4.80
C GLY A 187 1.43 14.86 6.06
N ILE A 188 0.54 14.96 7.04
CA ILE A 188 0.83 15.69 8.28
C ILE A 188 2.06 15.12 8.97
N ARG A 189 2.24 13.80 8.90
CA ARG A 189 3.35 13.21 9.67
C ARG A 189 4.70 13.64 9.11
N TYR A 190 4.80 13.92 7.81
CA TYR A 190 6.05 14.43 7.28
C TYR A 190 6.32 15.86 7.77
N THR A 191 5.29 16.69 7.82
CA THR A 191 5.43 18.03 8.38
C THR A 191 5.82 17.95 9.86
N ALA A 192 5.22 17.01 10.58
CA ALA A 192 5.46 16.90 12.01
C ALA A 192 6.90 16.49 12.31
N ILE A 193 7.46 15.52 11.58
CA ILE A 193 8.85 15.18 11.87
C ILE A 193 9.77 16.31 11.42
N ASP A 194 9.44 16.99 10.32
CA ASP A 194 10.26 18.12 9.90
C ASP A 194 10.30 19.19 10.97
N ASN A 195 9.17 19.48 11.60
CA ASN A 195 9.11 20.50 12.66
C ASN A 195 9.59 19.98 14.01
N ASN A 196 10.01 18.73 14.10
CA ASN A 196 10.43 18.10 15.35
C ASN A 196 9.29 17.99 16.37
N GLU A 197 8.04 17.98 15.92
CA GLU A 197 6.95 17.61 16.83
CA GLU A 197 6.94 17.62 16.82
C GLU A 197 7.00 16.13 17.17
N VAL A 198 7.48 15.30 16.26
CA VAL A 198 7.77 13.89 16.49
C VAL A 198 9.18 13.66 15.98
N GLN A 199 9.78 12.55 16.42
CA GLN A 199 11.13 12.19 15.99
C GLN A 199 11.19 10.93 15.15
N VAL A 200 10.11 10.14 15.10
CA VAL A 200 10.02 8.94 14.26
C VAL A 200 8.66 8.97 13.57
N ILE A 201 8.62 8.51 12.31
CA ILE A 201 7.35 8.32 11.62
C ILE A 201 7.38 6.95 10.95
N ASP A 202 6.18 6.41 10.68
CA ASP A 202 6.05 5.20 9.85
C ASP A 202 6.03 5.59 8.37
N ALA A 203 7.19 6.03 7.88
CA ALA A 203 7.28 6.27 6.45
C ALA A 203 6.94 5.00 5.70
N TRP A 204 6.19 5.13 4.60
CA TRP A 204 5.94 3.98 3.74
C TRP A 204 6.91 4.08 2.58
N ALA A 205 7.37 2.92 2.10
CA ALA A 205 8.53 2.87 1.22
C ALA A 205 8.33 3.66 -0.07
N THR A 206 7.11 3.71 -0.60
CA THR A 206 6.85 4.45 -1.84
C THR A 206 6.41 5.89 -1.62
N ASP A 207 6.38 6.36 -0.38
CA ASP A 207 5.81 7.67 -0.11
C ASP A 207 6.47 8.74 -0.96
N GLY A 208 5.63 9.59 -1.56
CA GLY A 208 6.13 10.62 -2.44
C GLY A 208 7.05 11.60 -1.75
N LEU A 209 6.77 11.92 -0.48
CA LEU A 209 7.54 12.94 0.23
C LEU A 209 8.78 12.39 0.91
N LEU A 210 9.07 11.10 0.78
CA LEU A 210 10.10 10.48 1.61
C LEU A 210 11.51 10.87 1.18
N VAL A 211 11.84 10.69 -0.11
CA VAL A 211 13.19 11.01 -0.59
C VAL A 211 13.33 12.52 -0.74
N SER A 212 12.39 13.27 -0.19
CA SER A 212 12.36 14.72 -0.28
C SER A 212 12.50 15.43 1.07
N HIS A 213 12.74 14.69 2.16
CA HIS A 213 12.69 15.27 3.49
C HIS A 213 13.93 15.04 4.34
N LYS A 214 15.02 14.53 3.76
CA LYS A 214 16.29 14.32 4.48
C LYS A 214 16.09 13.36 5.66
N LEU A 215 15.57 12.17 5.35
CA LEU A 215 15.19 11.18 6.34
C LEU A 215 15.97 9.89 6.11
N LYS A 216 16.20 9.16 7.20
CA LYS A 216 16.89 7.87 7.14
C LYS A 216 15.90 6.77 7.45
N ILE A 217 15.77 5.82 6.53
CA ILE A 217 14.96 4.62 6.74
C ILE A 217 15.79 3.62 7.52
N LEU A 218 15.28 3.16 8.67
CA LEU A 218 16.05 2.23 9.48
C LEU A 218 15.76 0.79 9.06
N GLU A 219 16.71 -0.09 9.36
CA GLU A 219 16.64 -1.49 8.97
CA GLU A 219 16.64 -1.49 8.98
C GLU A 219 15.81 -2.29 9.99
N ASP A 220 14.87 -3.09 9.47
CA ASP A 220 14.04 -3.99 10.28
C ASP A 220 14.85 -5.25 10.58
N ASP A 221 15.76 -5.13 11.55
CA ASP A 221 16.83 -6.11 11.71
C ASP A 221 16.32 -7.47 12.19
N LYS A 222 15.23 -7.52 12.95
CA LYS A 222 14.65 -8.79 13.35
C LYS A 222 13.62 -9.30 12.37
N ALA A 223 13.36 -8.56 11.28
CA ALA A 223 12.44 -8.97 10.22
C ALA A 223 11.02 -9.16 10.75
N PHE A 224 10.49 -8.10 11.36
CA PHE A 224 9.10 -8.17 11.83
C PHE A 224 8.11 -8.12 10.67
N PHE A 225 8.31 -7.19 9.75
CA PHE A 225 7.28 -6.92 8.74
C PHE A 225 7.30 -7.97 7.64
N PRO A 226 6.14 -8.34 7.12
CA PRO A 226 6.09 -9.15 5.92
C PRO A 226 6.36 -8.31 4.70
N PRO A 227 6.54 -8.94 3.53
CA PRO A 227 6.54 -8.17 2.27
C PRO A 227 5.16 -7.55 2.03
N TYR A 228 5.15 -6.37 1.41
CA TYR A 228 3.89 -5.70 1.05
C TYR A 228 3.83 -5.41 -0.43
N TYR A 229 3.86 -6.46 -1.26
CA TYR A 229 3.79 -6.27 -2.70
C TYR A 229 2.35 -6.03 -3.13
N ALA A 230 2.13 -4.93 -3.83
CA ALA A 230 0.82 -4.57 -4.34
C ALA A 230 0.46 -5.44 -5.55
N ALA A 231 -0.79 -5.90 -5.59
CA ALA A 231 -1.28 -6.65 -6.77
C ALA A 231 -2.77 -6.45 -6.92
N PRO A 232 -3.31 -6.35 -8.14
CA PRO A 232 -4.76 -6.33 -8.29
C PRO A 232 -5.34 -7.67 -7.89
N ILE A 233 -6.48 -7.65 -7.20
CA ILE A 233 -7.23 -8.88 -6.94
C ILE A 233 -8.66 -8.68 -7.42
N ILE A 234 -9.28 -9.76 -7.86
CA ILE A 234 -10.57 -9.69 -8.55
C ILE A 234 -11.44 -10.86 -8.14
N ARG A 235 -12.76 -10.62 -8.10
CA ARG A 235 -13.71 -11.71 -7.84
C ARG A 235 -13.67 -12.73 -8.98
N GLN A 236 -13.75 -14.01 -8.63
CA GLN A 236 -13.80 -15.04 -9.66
C GLN A 236 -15.04 -14.88 -10.54
N ASP A 237 -16.17 -14.53 -9.95
CA ASP A 237 -17.38 -14.46 -10.78
C ASP A 237 -17.32 -13.33 -11.80
N VAL A 238 -16.53 -12.28 -11.52
CA VAL A 238 -16.31 -11.24 -12.52
C VAL A 238 -15.41 -11.74 -13.63
N LEU A 239 -14.38 -12.52 -13.28
CA LEU A 239 -13.56 -13.18 -14.29
C LEU A 239 -14.38 -14.16 -15.11
N ASP A 240 -15.33 -14.86 -14.48
CA ASP A 240 -16.19 -15.78 -15.21
C ASP A 240 -17.00 -15.04 -16.26
N LYS A 241 -17.45 -13.83 -15.94
CA LYS A 241 -18.27 -13.08 -16.88
C LYS A 241 -17.43 -12.29 -17.87
N HIS A 242 -16.25 -11.82 -17.47
CA HIS A 242 -15.37 -11.03 -18.34
C HIS A 242 -13.97 -11.63 -18.29
N PRO A 243 -13.76 -12.77 -18.94
CA PRO A 243 -12.47 -13.46 -18.82
C PRO A 243 -11.30 -12.67 -19.35
N GLU A 244 -11.53 -11.71 -20.26
CA GLU A 244 -10.44 -10.93 -20.81
C GLU A 244 -9.75 -10.07 -19.74
N LEU A 245 -10.38 -9.90 -18.57
CA LEU A 245 -9.81 -9.04 -17.54
C LEU A 245 -8.48 -9.59 -17.02
N LYS A 246 -8.28 -10.91 -17.05
CA LYS A 246 -7.06 -11.47 -16.47
C LYS A 246 -5.83 -10.97 -17.21
N ASP A 247 -5.80 -11.18 -18.53
CA ASP A 247 -4.64 -10.74 -19.31
C ASP A 247 -4.54 -9.22 -19.36
N VAL A 248 -5.67 -8.51 -19.36
CA VAL A 248 -5.62 -7.05 -19.40
C VAL A 248 -4.96 -6.51 -18.13
N LEU A 249 -5.43 -6.97 -16.97
CA LEU A 249 -4.84 -6.48 -15.74
C LEU A 249 -3.43 -7.02 -15.53
N ASN A 250 -3.10 -8.19 -16.08
CA ASN A 250 -1.73 -8.67 -15.96
C ASN A 250 -0.78 -7.97 -16.91
N LYS A 251 -1.28 -7.10 -17.78
CA LYS A 251 -0.39 -6.21 -18.52
C LYS A 251 0.34 -5.25 -17.60
N LEU A 252 -0.17 -5.02 -16.39
CA LEU A 252 0.51 -4.20 -15.40
C LEU A 252 1.60 -4.94 -14.64
N ALA A 253 1.77 -6.24 -14.90
CA ALA A 253 2.69 -7.06 -14.10
C ALA A 253 4.11 -6.53 -14.22
N ASN A 254 4.70 -6.21 -13.05
CA ASN A 254 6.07 -5.70 -12.94
C ASN A 254 6.26 -4.40 -13.72
N GLN A 255 5.20 -3.62 -13.90
CA GLN A 255 5.32 -2.39 -14.66
C GLN A 255 5.56 -1.17 -13.78
N ILE A 256 5.59 -1.32 -12.45
CA ILE A 256 5.76 -0.18 -11.55
C ILE A 256 6.81 -0.55 -10.50
N SER A 257 8.01 -0.03 -10.67
CA SER A 257 9.05 -0.23 -9.68
C SER A 257 8.79 0.68 -8.47
N LEU A 258 9.54 0.41 -7.40
CA LEU A 258 9.51 1.30 -6.23
C LEU A 258 9.79 2.74 -6.65
N GLU A 259 10.81 2.94 -7.47
CA GLU A 259 11.20 4.28 -7.89
C GLU A 259 10.11 4.92 -8.74
N GLU A 260 9.50 4.15 -9.64
CA GLU A 260 8.40 4.68 -10.46
C GLU A 260 7.22 5.06 -9.58
N MET A 261 6.88 4.23 -8.60
CA MET A 261 5.73 4.54 -7.78
C MET A 261 5.97 5.78 -6.94
N GLN A 262 7.19 5.92 -6.40
CA GLN A 262 7.55 7.11 -5.62
C GLN A 262 7.40 8.36 -6.48
N LYS A 263 7.81 8.28 -7.74
CA LYS A 263 7.76 9.47 -8.59
C LYS A 263 6.31 9.84 -8.88
N LEU A 264 5.44 8.85 -9.07
CA LEU A 264 4.02 9.13 -9.31
C LEU A 264 3.37 9.70 -8.06
N ASN A 265 3.69 9.13 -6.90
CA ASN A 265 3.17 9.67 -5.65
C ASN A 265 3.61 11.12 -5.46
N TYR A 266 4.86 11.45 -5.83
CA TYR A 266 5.34 12.82 -5.68
C TYR A 266 4.68 13.77 -6.65
N LYS A 267 4.36 13.31 -7.87
CA LYS A 267 3.63 14.15 -8.80
C LYS A 267 2.32 14.63 -8.20
N VAL A 268 1.67 13.80 -7.39
CA VAL A 268 0.44 14.21 -6.73
C VAL A 268 0.73 15.00 -5.46
N ASP A 269 1.51 14.44 -4.54
CA ASP A 269 1.67 15.05 -3.22
C ASP A 269 2.65 16.21 -3.23
N GLY A 270 3.62 16.21 -4.14
CA GLY A 270 4.63 17.25 -4.16
C GLY A 270 4.36 18.32 -5.18
N GLU A 271 3.82 17.94 -6.34
CA GLU A 271 3.59 18.86 -7.43
C GLU A 271 2.13 19.23 -7.61
N GLY A 272 1.21 18.60 -6.87
CA GLY A 272 -0.18 18.97 -6.92
C GLY A 272 -0.94 18.52 -8.15
N GLN A 273 -0.44 17.53 -8.88
CA GLN A 273 -1.20 17.03 -10.02
C GLN A 273 -2.31 16.10 -9.55
N ASP A 274 -3.40 16.03 -10.33
CA ASP A 274 -4.47 15.14 -9.89
C ASP A 274 -4.13 13.69 -10.22
N PRO A 275 -4.54 12.74 -9.38
CA PRO A 275 -4.13 11.35 -9.59
C PRO A 275 -4.66 10.72 -10.87
N ALA A 276 -5.82 11.15 -11.37
CA ALA A 276 -6.30 10.61 -12.64
C ALA A 276 -5.33 10.92 -13.78
N LYS A 277 -4.88 12.18 -13.85
CA LYS A 277 -3.95 12.58 -14.89
C LYS A 277 -2.61 11.86 -14.74
N VAL A 278 -2.14 11.73 -13.50
CA VAL A 278 -0.85 11.10 -13.24
C VAL A 278 -0.89 9.63 -13.66
N ALA A 279 -1.99 8.95 -13.34
CA ALA A 279 -2.11 7.54 -13.69
C ALA A 279 -2.17 7.36 -15.20
N LYS A 280 -3.03 8.13 -15.87
CA LYS A 280 -3.19 7.94 -17.30
C LYS A 280 -1.92 8.31 -18.06
N GLU A 281 -1.22 9.37 -17.65
CA GLU A 281 0.00 9.75 -18.37
C GLU A 281 1.09 8.71 -18.22
N PHE A 282 1.19 8.10 -17.04
CA PHE A 282 2.15 7.02 -16.83
C PHE A 282 1.89 5.87 -17.80
N LEU A 283 0.62 5.42 -17.87
CA LEU A 283 0.30 4.30 -18.75
C LEU A 283 0.57 4.62 -20.21
N LYS A 284 0.30 5.85 -20.64
CA LYS A 284 0.57 6.20 -22.04
C LYS A 284 2.06 6.26 -22.31
N GLU A 285 2.83 6.80 -21.37
CA GLU A 285 4.27 6.94 -21.58
C GLU A 285 4.97 5.59 -21.68
N LYS A 286 4.47 4.57 -20.98
CA LYS A 286 5.03 3.22 -21.03
C LYS A 286 4.33 2.34 -22.05
N GLY A 287 3.53 2.90 -22.94
CA GLY A 287 2.90 2.11 -23.97
C GLY A 287 1.85 1.13 -23.49
N LEU A 288 1.38 1.27 -22.25
CA LEU A 288 0.40 0.34 -21.71
C LEU A 288 -1.02 0.68 -22.18
N ILE A 289 -1.30 1.94 -22.51
CA ILE A 289 -2.50 2.31 -23.25
C ILE A 289 -2.09 3.20 -24.41
N LEU A 290 -2.92 3.23 -25.45
CA LEU A 290 -2.68 4.06 -26.61
C LEU A 290 -3.54 5.32 -26.56
N GLN A 291 -3.06 6.38 -27.19
CA GLN A 291 -3.81 7.63 -27.22
CA GLN A 291 -3.81 7.63 -27.22
C GLN A 291 -5.00 7.52 -28.16
N VAL A 292 -6.15 8.01 -27.72
CA VAL A 292 -7.36 7.96 -28.52
C VAL A 292 -7.63 9.31 -29.17
#